data_4CMN
#
_entry.id   4CMN
#
_cell.length_a   146.766
_cell.length_b   146.766
_cell.length_c   146.766
_cell.angle_alpha   90.00
_cell.angle_beta   90.00
_cell.angle_gamma   90.00
#
_symmetry.space_group_name_H-M   'P 41 3 2'
#
loop_
_entity.id
_entity.type
_entity.pdbx_description
1 polymer 'INOSITOL POLYPHOSPHATE 5-PHOSPHATASE OCRL-1'
2 non-polymer 'PHOSPHATE ION'
3 non-polymer 'MAGNESIUM ION'
4 non-polymer GLYCEROL
5 water water
#
_entity_poly.entity_id   1
_entity_poly.type   'polypeptide(L)'
_entity_poly.pdbx_seq_one_letter_code
;MQSGQREGLIKHILAKREKEYVNIQTFRFFVGTWNVNGQSPDSGLEPWLNCDPNPPDIYCIGFQELDLSTEAFFYFESVK
EQEWSMAVERGLHSKAKYKKVQLVRLVGMMLLIFARKDQCRYIRDIATETVGTGIMGKMGNKGGVAVRFVFHNTTFCIVN
SHLAAHVEDFERRNQDYKDICARMSFVVPNQTLPQLNIMKHEVVIWLGDLNYRLGMPDANEVKSLINKKDLQRLLKFDQL
NIQRTQKKAFVDFNEGEIKFIPTYKYDSKTDRWDSSGKCRVPAWCDRILWRGTNVNQLNYRSHMELKTSDHKPVSALFHI
GVKVVDERRYRKVFEDSVRIMDRMENDAHHHHHH
;
_entity_poly.pdbx_strand_id   A
#
loop_
_chem_comp.id
_chem_comp.type
_chem_comp.name
_chem_comp.formula
GOL non-polymer GLYCEROL 'C3 H8 O3'
MG non-polymer 'MAGNESIUM ION' 'Mg 2'
PO4 non-polymer 'PHOSPHATE ION' 'O4 P -3'
#
# COMPACT_ATOMS: atom_id res chain seq x y z
N ARG A 6 27.33 28.55 15.46
CA ARG A 6 27.11 27.11 15.17
C ARG A 6 27.43 26.80 13.72
N GLU A 7 28.72 26.72 13.40
CA GLU A 7 29.19 26.45 12.04
C GLU A 7 29.03 24.98 11.66
N GLY A 8 27.81 24.46 11.81
CA GLY A 8 27.48 23.10 11.39
C GLY A 8 26.77 23.11 10.05
N LEU A 9 27.00 24.17 9.27
CA LEU A 9 26.41 24.30 7.93
C LEU A 9 27.00 23.28 6.96
N ILE A 10 28.17 22.74 7.29
CA ILE A 10 28.72 21.60 6.58
C ILE A 10 27.63 20.56 6.35
N LYS A 11 26.86 20.28 7.40
CA LYS A 11 25.71 19.37 7.30
C LYS A 11 24.72 19.86 6.24
N HIS A 12 24.44 21.15 6.25
CA HIS A 12 23.55 21.77 5.26
C HIS A 12 24.15 21.69 3.85
N ILE A 13 25.43 22.04 3.73
CA ILE A 13 26.17 21.90 2.48
C ILE A 13 26.15 20.44 2.02
N LEU A 14 26.54 19.53 2.91
CA LEU A 14 26.57 18.11 2.58
C LEU A 14 25.25 17.65 1.99
N ALA A 15 24.14 18.17 2.53
CA ALA A 15 22.82 17.88 2.01
C ALA A 15 22.71 18.28 0.55
N LYS A 16 23.04 19.53 0.24
CA LYS A 16 22.84 20.05 -1.12
C LYS A 16 23.85 19.54 -2.16
N ARG A 17 24.87 18.80 -1.71
CA ARG A 17 25.79 18.14 -2.63
C ARG A 17 25.44 16.66 -2.77
N GLU A 18 24.16 16.35 -2.57
CA GLU A 18 23.66 14.97 -2.53
C GLU A 18 24.08 14.18 -3.77
N LYS A 19 23.87 14.78 -4.95
CA LYS A 19 24.20 14.19 -6.26
C LYS A 19 25.56 13.52 -6.29
N GLU A 20 26.54 14.17 -5.65
CA GLU A 20 27.93 13.75 -5.74
C GLU A 20 28.28 12.50 -4.96
N TYR A 21 27.36 12.01 -4.11
CA TYR A 21 27.61 10.83 -3.30
C TYR A 21 26.39 9.90 -3.17
N VAL A 22 25.57 9.84 -4.22
CA VAL A 22 24.40 8.99 -4.22
C VAL A 22 24.31 8.17 -5.51
N ASN A 23 23.92 6.89 -5.37
CA ASN A 23 23.50 6.07 -6.50
C ASN A 23 22.00 5.81 -6.38
N ILE A 24 21.32 5.64 -7.50
CA ILE A 24 19.97 5.11 -7.47
C ILE A 24 20.08 3.59 -7.53
N GLN A 25 20.08 2.93 -6.37
CA GLN A 25 20.03 1.46 -6.30
C GLN A 25 18.60 0.94 -6.35
N THR A 26 18.42 -0.21 -6.98
CA THR A 26 17.09 -0.79 -7.17
C THR A 26 16.76 -1.80 -6.07
N PHE A 27 15.58 -1.66 -5.48
CA PHE A 27 15.15 -2.50 -4.35
C PHE A 27 13.80 -3.16 -4.64
N ARG A 28 13.55 -4.31 -4.02
CA ARG A 28 12.30 -5.04 -4.20
C ARG A 28 11.26 -4.71 -3.14
N PHE A 29 10.14 -4.16 -3.56
CA PHE A 29 9.03 -3.94 -2.65
C PHE A 29 7.92 -4.91 -2.99
N PHE A 30 7.53 -5.73 -2.03
CA PHE A 30 6.32 -6.49 -2.15
C PHE A 30 5.20 -5.65 -1.56
N VAL A 31 4.06 -5.55 -2.25
CA VAL A 31 2.88 -4.96 -1.63
C VAL A 31 1.67 -5.87 -1.82
N GLY A 32 0.97 -6.16 -0.72
CA GLY A 32 -0.23 -7.00 -0.74
C GLY A 32 -1.40 -6.31 -0.07
N THR A 33 -2.61 -6.72 -0.44
CA THR A 33 -3.83 -6.18 0.15
C THR A 33 -4.89 -7.27 0.28
N TRP A 34 -5.53 -7.36 1.44
CA TRP A 34 -6.59 -8.37 1.62
C TRP A 34 -7.73 -7.87 2.50
N ASN A 35 -8.95 -8.04 2.01
CA ASN A 35 -10.14 -7.87 2.83
C ASN A 35 -10.46 -9.23 3.43
N VAL A 36 -10.25 -9.36 4.75
CA VAL A 36 -10.38 -10.65 5.43
C VAL A 36 -11.79 -10.91 5.98
N ASN A 37 -12.70 -9.95 5.80
CA ASN A 37 -14.10 -10.13 6.17
C ASN A 37 -14.30 -10.50 7.66
N GLY A 38 -13.47 -9.89 8.53
CA GLY A 38 -13.59 -10.07 9.98
C GLY A 38 -13.15 -11.43 10.52
N GLN A 39 -12.44 -12.20 9.68
CA GLN A 39 -12.08 -13.57 9.99
C GLN A 39 -10.67 -13.67 10.52
N SER A 40 -10.40 -14.71 11.31
CA SER A 40 -9.04 -15.07 11.68
C SER A 40 -8.44 -15.88 10.53
N PRO A 41 -7.09 -15.96 10.48
CA PRO A 41 -6.44 -16.79 9.47
C PRO A 41 -6.90 -18.25 9.56
N ASP A 42 -7.36 -18.81 8.45
CA ASP A 42 -7.72 -20.23 8.35
C ASP A 42 -6.51 -21.06 7.93
N SER A 43 -5.53 -20.39 7.31
CA SER A 43 -4.52 -21.05 6.51
C SER A 43 -3.17 -20.34 6.65
N GLY A 44 -2.15 -20.88 5.99
CA GLY A 44 -0.88 -20.21 5.83
C GLY A 44 -1.00 -19.07 4.83
N LEU A 45 -0.06 -18.14 4.88
CA LEU A 45 -0.03 -16.98 4.00
C LEU A 45 1.15 -17.05 3.01
N GLU A 46 1.86 -18.17 2.99
CA GLU A 46 3.06 -18.30 2.14
C GLU A 46 2.75 -18.23 0.63
N PRO A 47 1.64 -18.82 0.19
CA PRO A 47 1.26 -18.66 -1.22
C PRO A 47 1.11 -17.20 -1.63
N TRP A 48 0.65 -16.37 -0.70
CA TRP A 48 0.46 -14.95 -0.93
C TRP A 48 1.77 -14.18 -0.94
N LEU A 49 2.59 -14.42 0.09
CA LEU A 49 3.75 -13.59 0.36
C LEU A 49 5.07 -14.23 -0.13
N ASN A 50 5.10 -15.56 -0.27
CA ASN A 50 6.31 -16.27 -0.69
C ASN A 50 6.22 -16.83 -2.11
N CYS A 51 5.71 -16.02 -3.03
CA CYS A 51 5.50 -16.41 -4.43
C CYS A 51 6.50 -15.80 -5.42
N ASP A 52 7.60 -15.21 -4.92
CA ASP A 52 8.65 -14.69 -5.80
C ASP A 52 9.95 -15.44 -5.51
N PRO A 53 10.74 -15.77 -6.55
CA PRO A 53 11.96 -16.54 -6.33
C PRO A 53 12.91 -15.84 -5.36
N ASN A 54 13.22 -14.57 -5.64
CA ASN A 54 14.10 -13.78 -4.80
C ASN A 54 13.30 -13.12 -3.69
N PRO A 55 13.93 -12.90 -2.53
CA PRO A 55 13.20 -12.32 -1.41
C PRO A 55 13.02 -10.82 -1.58
N PRO A 56 11.88 -10.28 -1.16
CA PRO A 56 11.70 -8.83 -1.13
C PRO A 56 12.66 -8.12 -0.18
N ASP A 57 12.69 -6.80 -0.27
CA ASP A 57 13.47 -5.97 0.64
C ASP A 57 12.56 -5.25 1.62
N ILE A 58 11.38 -4.83 1.16
CA ILE A 58 10.36 -4.30 2.06
C ILE A 58 8.99 -4.89 1.72
N TYR A 59 8.26 -5.35 2.75
CA TYR A 59 6.89 -5.84 2.60
C TYR A 59 5.89 -4.80 3.09
N CYS A 60 4.99 -4.38 2.21
CA CYS A 60 3.89 -3.48 2.58
C CYS A 60 2.59 -4.26 2.49
N ILE A 61 2.10 -4.78 3.61
CA ILE A 61 0.87 -5.55 3.62
C ILE A 61 -0.25 -4.76 4.27
N GLY A 62 -1.39 -4.64 3.58
CA GLY A 62 -2.56 -3.90 4.05
C GLY A 62 -3.81 -4.75 4.16
N PHE A 63 -4.45 -4.76 5.32
CA PHE A 63 -5.71 -5.47 5.49
C PHE A 63 -6.90 -4.51 5.62
N GLN A 64 -8.08 -4.99 5.26
CA GLN A 64 -9.35 -4.31 5.57
C GLN A 64 -10.33 -5.29 6.20
N GLU A 65 -11.26 -4.77 7.00
CA GLU A 65 -12.22 -5.60 7.75
C GLU A 65 -11.52 -6.65 8.61
N LEU A 66 -10.44 -6.24 9.28
CA LEU A 66 -9.70 -7.14 10.18
C LEU A 66 -10.60 -7.66 11.31
N ASP A 67 -11.44 -6.77 11.86
CA ASP A 67 -12.37 -7.10 12.93
C ASP A 67 -13.71 -6.38 12.70
N LEU A 68 -14.78 -7.14 12.46
CA LEU A 68 -16.10 -6.55 12.20
C LEU A 68 -16.98 -6.43 13.46
N SER A 69 -16.36 -6.52 14.64
CA SER A 69 -17.09 -6.45 15.90
C SER A 69 -17.46 -5.02 16.27
N THR A 70 -18.37 -4.88 17.23
CA THR A 70 -18.73 -3.60 17.78
C THR A 70 -17.58 -3.02 18.60
N GLU A 71 -16.82 -3.89 19.25
CA GLU A 71 -15.67 -3.45 20.07
C GLU A 71 -14.63 -2.77 19.21
N ALA A 72 -14.23 -3.43 18.12
CA ALA A 72 -13.31 -2.86 17.15
C ALA A 72 -13.85 -1.54 16.60
N PHE A 73 -15.14 -1.53 16.30
CA PHE A 73 -15.81 -0.35 15.75
C PHE A 73 -15.76 0.88 16.66
N PHE A 74 -15.69 0.64 17.97
CA PHE A 74 -15.53 1.73 18.95
C PHE A 74 -14.09 1.81 19.52
N TYR A 75 -13.11 1.47 18.69
CA TYR A 75 -11.68 1.74 18.95
C TYR A 75 -11.00 0.89 20.05
N PHE A 76 -11.72 -0.06 20.64
CA PHE A 76 -11.13 -0.95 21.63
C PHE A 76 -10.15 -1.95 20.99
N GLU A 77 -9.29 -2.53 21.82
CA GLU A 77 -8.24 -3.43 21.35
C GLU A 77 -8.83 -4.67 20.72
N SER A 78 -8.10 -5.27 19.77
CA SER A 78 -8.55 -6.46 19.06
C SER A 78 -7.55 -7.60 19.16
N VAL A 79 -8.06 -8.80 19.41
CA VAL A 79 -7.21 -10.00 19.38
C VAL A 79 -6.78 -10.33 17.95
N LYS A 80 -7.56 -9.84 16.97
CA LYS A 80 -7.28 -10.12 15.56
C LYS A 80 -6.03 -9.39 15.08
N GLU A 81 -5.75 -8.22 15.65
CA GLU A 81 -4.56 -7.45 15.29
C GLU A 81 -3.29 -8.28 15.47
N GLN A 82 -3.24 -8.98 16.60
CA GLN A 82 -2.15 -9.90 16.90
C GLN A 82 -2.20 -11.09 15.94
N GLU A 83 -3.33 -11.79 15.90
CA GLU A 83 -3.49 -12.97 15.06
C GLU A 83 -2.94 -12.78 13.65
N TRP A 84 -3.29 -11.67 13.03
CA TRP A 84 -2.90 -11.42 11.65
C TRP A 84 -1.47 -10.90 11.49
N SER A 85 -0.94 -10.24 12.51
CA SER A 85 0.46 -9.79 12.47
C SER A 85 1.38 -11.01 12.48
N MET A 86 1.13 -11.93 13.42
CA MET A 86 1.92 -13.16 13.55
C MET A 86 1.77 -14.07 12.34
N ALA A 87 0.59 -14.05 11.73
CA ALA A 87 0.31 -14.86 10.55
C ALA A 87 1.19 -14.41 9.38
N VAL A 88 1.34 -13.10 9.23
CA VAL A 88 2.17 -12.53 8.18
C VAL A 88 3.65 -12.83 8.41
N GLU A 89 4.08 -12.74 9.67
CA GLU A 89 5.49 -12.94 10.03
C GLU A 89 6.01 -14.31 9.63
N ARG A 90 5.17 -15.32 9.79
CA ARG A 90 5.54 -16.69 9.43
C ARG A 90 5.46 -16.91 7.92
N GLY A 91 4.74 -16.04 7.23
CA GLY A 91 4.47 -16.20 5.80
C GLY A 91 5.44 -15.49 4.88
N LEU A 92 6.38 -14.75 5.45
CA LEU A 92 7.34 -14.00 4.63
C LEU A 92 8.34 -14.95 3.98
N HIS A 93 9.17 -14.40 3.10
CA HIS A 93 10.07 -15.22 2.28
C HIS A 93 11.02 -16.06 3.15
N SER A 94 11.42 -17.20 2.61
CA SER A 94 12.26 -18.17 3.32
C SER A 94 13.76 -17.95 3.13
N LYS A 95 14.13 -16.93 2.37
CA LYS A 95 15.52 -16.70 2.01
C LYS A 95 16.03 -15.36 2.56
N ALA A 96 15.38 -14.87 3.62
CA ALA A 96 15.80 -13.64 4.28
C ALA A 96 15.00 -13.41 5.57
N LYS A 97 15.70 -13.07 6.65
CA LYS A 97 15.07 -12.75 7.93
C LYS A 97 14.52 -11.32 7.91
N TYR A 98 13.30 -11.15 8.40
CA TYR A 98 12.61 -9.85 8.37
C TYR A 98 12.33 -9.35 9.77
N LYS A 99 12.16 -8.04 9.90
CA LYS A 99 11.78 -7.42 11.17
C LYS A 99 10.65 -6.44 10.93
N LYS A 100 9.84 -6.22 11.96
CA LYS A 100 8.66 -5.39 11.89
C LYS A 100 9.04 -3.92 12.03
N VAL A 101 8.73 -3.11 11.02
CA VAL A 101 8.99 -1.67 11.07
C VAL A 101 7.84 -0.91 11.71
N GLN A 102 6.60 -1.26 11.37
CA GLN A 102 5.44 -0.52 11.86
C GLN A 102 4.12 -1.28 11.70
N LEU A 103 3.16 -0.97 12.57
CA LEU A 103 1.79 -1.46 12.49
C LEU A 103 0.82 -0.31 12.75
N VAL A 104 -0.25 -0.21 11.97
CA VAL A 104 -1.25 0.85 12.16
C VAL A 104 -2.66 0.34 11.89
N ARG A 105 -3.50 0.34 12.93
CA ARG A 105 -4.88 -0.09 12.80
C ARG A 105 -5.85 1.04 13.09
N LEU A 106 -6.89 1.17 12.26
CA LEU A 106 -8.07 1.95 12.61
C LEU A 106 -9.29 1.07 12.38
N VAL A 107 -9.79 0.47 13.46
CA VAL A 107 -10.88 -0.51 13.41
C VAL A 107 -10.42 -1.77 12.65
N GLY A 108 -10.78 -1.91 11.38
CA GLY A 108 -10.40 -3.09 10.59
C GLY A 108 -9.37 -2.82 9.51
N MET A 109 -8.98 -1.57 9.36
CA MET A 109 -7.94 -1.18 8.39
C MET A 109 -6.59 -1.29 9.10
N MET A 110 -5.69 -2.13 8.58
CA MET A 110 -4.38 -2.33 9.20
C MET A 110 -3.28 -2.42 8.15
N LEU A 111 -2.26 -1.57 8.28
CA LEU A 111 -1.08 -1.65 7.43
C LEU A 111 0.11 -2.13 8.27
N LEU A 112 0.81 -3.16 7.78
CA LEU A 112 2.04 -3.66 8.40
C LEU A 112 3.18 -3.38 7.44
N ILE A 113 4.27 -2.81 7.93
CA ILE A 113 5.51 -2.71 7.16
C ILE A 113 6.53 -3.65 7.77
N PHE A 114 7.06 -4.55 6.94
CA PHE A 114 8.19 -5.38 7.33
C PHE A 114 9.39 -4.99 6.48
N ALA A 115 10.58 -5.22 7.04
CA ALA A 115 11.84 -4.86 6.41
C ALA A 115 12.87 -5.95 6.64
N ARG A 116 13.61 -6.28 5.58
CA ARG A 116 14.75 -7.19 5.66
C ARG A 116 15.64 -6.67 6.79
N LYS A 117 16.22 -7.57 7.58
CA LYS A 117 16.99 -7.19 8.76
C LYS A 117 18.17 -6.28 8.42
N ASP A 118 18.87 -6.60 7.35
CA ASP A 118 19.97 -5.77 6.85
C ASP A 118 19.55 -4.30 6.79
N GLN A 119 18.44 -4.07 6.10
CA GLN A 119 18.03 -2.74 5.67
C GLN A 119 17.32 -1.90 6.72
N CYS A 120 16.84 -2.52 7.79
CA CYS A 120 16.05 -1.80 8.80
C CYS A 120 16.75 -0.55 9.35
N ARG A 121 18.07 -0.61 9.49
CA ARG A 121 18.80 0.54 10.02
C ARG A 121 18.72 1.76 9.11
N TYR A 122 18.38 1.54 7.84
CA TYR A 122 18.17 2.65 6.91
C TYR A 122 16.70 3.08 6.85
N ILE A 123 15.92 2.80 7.88
CA ILE A 123 14.53 3.25 7.96
C ILE A 123 14.39 4.27 9.08
N ARG A 124 14.03 5.50 8.74
CA ARG A 124 13.99 6.58 9.70
C ARG A 124 12.72 7.42 9.55
N ASP A 125 12.50 8.28 10.53
CA ASP A 125 11.46 9.30 10.48
C ASP A 125 10.09 8.70 10.17
N ILE A 126 9.75 7.62 10.89
CA ILE A 126 8.49 6.92 10.70
C ILE A 126 7.34 7.64 11.40
N ALA A 127 6.25 7.88 10.68
CA ALA A 127 5.04 8.46 11.24
C ALA A 127 3.84 7.74 10.66
N THR A 128 2.72 7.82 11.37
CA THR A 128 1.49 7.15 10.94
C THR A 128 0.25 7.99 11.19
N GLU A 129 -0.69 7.93 10.24
CA GLU A 129 -2.00 8.57 10.41
C GLU A 129 -3.12 7.59 10.17
N THR A 130 -4.31 7.97 10.65
CA THR A 130 -5.54 7.24 10.38
C THR A 130 -6.66 8.26 10.12
N VAL A 131 -7.56 7.95 9.19
CA VAL A 131 -8.67 8.85 8.88
C VAL A 131 -9.95 8.09 8.60
N GLY A 132 -10.92 8.19 9.49
CA GLY A 132 -12.21 7.57 9.30
C GLY A 132 -13.14 8.41 8.43
N THR A 133 -13.56 7.85 7.30
CA THR A 133 -14.52 8.53 6.42
C THR A 133 -15.81 7.73 6.32
N GLY A 134 -16.12 6.97 7.37
CA GLY A 134 -17.27 6.07 7.36
C GLY A 134 -18.55 6.77 7.80
N ILE A 135 -19.17 6.24 8.84
CA ILE A 135 -20.40 6.80 9.40
C ILE A 135 -20.18 8.26 9.84
N MET A 136 -21.09 9.13 9.40
CA MET A 136 -21.02 10.58 9.64
C MET A 136 -19.73 11.22 9.10
N GLY A 137 -19.14 10.60 8.07
CA GLY A 137 -17.89 11.07 7.50
C GLY A 137 -16.68 11.02 8.41
N LYS A 138 -16.85 10.44 9.60
CA LYS A 138 -15.84 10.46 10.66
C LYS A 138 -15.44 9.07 11.16
N MET A 139 -16.39 8.16 11.25
CA MET A 139 -16.18 6.87 11.90
C MET A 139 -15.20 5.98 11.13
N GLY A 140 -14.63 5.01 11.82
CA GLY A 140 -13.55 4.18 11.28
C GLY A 140 -13.97 2.93 10.52
N ASN A 141 -15.27 2.77 10.29
CA ASN A 141 -15.78 1.61 9.54
C ASN A 141 -15.23 1.62 8.13
N LYS A 142 -14.91 2.80 7.63
CA LYS A 142 -14.18 2.98 6.38
C LYS A 142 -13.30 4.23 6.45
N GLY A 143 -12.47 4.40 5.43
CA GLY A 143 -11.53 5.51 5.35
C GLY A 143 -10.16 4.97 5.00
N GLY A 144 -9.16 5.30 5.80
CA GLY A 144 -7.81 4.81 5.55
C GLY A 144 -6.80 5.05 6.66
N VAL A 145 -5.79 4.18 6.71
CA VAL A 145 -4.65 4.29 7.61
C VAL A 145 -3.39 4.32 6.76
N ALA A 146 -2.36 5.01 7.22
CA ALA A 146 -1.13 5.14 6.43
C ALA A 146 0.13 5.23 7.30
N VAL A 147 1.25 4.87 6.69
CA VAL A 147 2.58 4.94 7.30
C VAL A 147 3.52 5.62 6.33
N ARG A 148 4.38 6.49 6.85
CA ARG A 148 5.41 7.16 6.03
C ARG A 148 6.78 6.94 6.68
N PHE A 149 7.83 7.11 5.89
CA PHE A 149 9.20 6.96 6.35
C PHE A 149 10.17 7.34 5.24
N VAL A 150 11.42 7.60 5.63
CA VAL A 150 12.52 7.71 4.66
C VAL A 150 13.29 6.38 4.68
N PHE A 151 13.61 5.87 3.50
CA PHE A 151 14.43 4.67 3.34
C PHE A 151 15.64 5.07 2.53
N HIS A 152 16.81 5.02 3.16
CA HIS A 152 18.00 5.73 2.67
C HIS A 152 17.63 7.20 2.48
N ASN A 153 17.97 7.79 1.34
CA ASN A 153 17.64 9.20 1.08
C ASN A 153 16.50 9.36 0.07
N THR A 154 15.43 8.60 0.28
CA THR A 154 14.25 8.60 -0.59
C THR A 154 13.00 8.44 0.29
N THR A 155 12.02 9.32 0.12
CA THR A 155 10.86 9.36 1.03
C THR A 155 9.63 8.58 0.52
N PHE A 156 9.08 7.72 1.38
CA PHE A 156 7.92 6.87 1.06
C PHE A 156 6.72 7.20 1.93
N CYS A 157 5.52 6.93 1.42
CA CYS A 157 4.29 7.04 2.21
C CYS A 157 3.28 6.06 1.70
N ILE A 158 2.96 5.06 2.51
CA ILE A 158 2.11 3.94 2.09
C ILE A 158 0.72 4.10 2.67
N VAL A 159 -0.29 4.08 1.82
CA VAL A 159 -1.66 4.32 2.22
C VAL A 159 -2.46 3.06 2.01
N ASN A 160 -3.12 2.60 3.07
CA ASN A 160 -4.07 1.49 2.99
C ASN A 160 -5.47 2.04 3.24
N SER A 161 -6.39 1.77 2.32
CA SER A 161 -7.73 2.35 2.45
C SER A 161 -8.83 1.31 2.26
N HIS A 162 -9.99 1.62 2.83
CA HIS A 162 -11.20 0.87 2.59
C HIS A 162 -12.24 1.91 2.21
N LEU A 163 -12.52 2.02 0.90
CA LEU A 163 -13.41 3.05 0.40
C LEU A 163 -14.86 2.58 0.38
N ALA A 164 -15.78 3.54 0.25
CA ALA A 164 -17.23 3.26 0.31
C ALA A 164 -17.69 2.18 -0.66
N ALA A 165 -18.64 1.37 -0.19
CA ALA A 165 -19.19 0.25 -0.96
C ALA A 165 -20.39 0.68 -1.77
N HIS A 166 -20.95 -0.29 -2.52
CA HIS A 166 -22.11 -0.09 -3.41
C HIS A 166 -21.70 0.49 -4.77
N VAL A 167 -22.17 -0.16 -5.82
CA VAL A 167 -21.83 0.19 -7.21
C VAL A 167 -22.20 1.63 -7.55
N GLU A 168 -23.35 2.08 -7.06
CA GLU A 168 -23.84 3.44 -7.35
C GLU A 168 -22.92 4.52 -6.81
N ASP A 169 -22.25 4.24 -5.70
CA ASP A 169 -21.55 5.27 -4.93
C ASP A 169 -20.08 5.46 -5.33
N PHE A 170 -19.81 5.56 -6.63
CA PHE A 170 -18.45 5.83 -7.11
C PHE A 170 -18.04 7.28 -6.82
N GLU A 171 -19.01 8.17 -6.79
CA GLU A 171 -18.76 9.58 -6.49
C GLU A 171 -18.32 9.75 -5.02
N ARG A 172 -18.90 8.94 -4.14
CA ARG A 172 -18.55 8.95 -2.73
C ARG A 172 -17.15 8.37 -2.51
N ARG A 173 -16.78 7.35 -3.30
CA ARG A 173 -15.43 6.81 -3.26
C ARG A 173 -14.41 7.88 -3.66
N ASN A 174 -14.71 8.62 -4.71
CA ASN A 174 -13.87 9.75 -5.11
C ASN A 174 -13.80 10.80 -4.01
N GLN A 175 -14.90 10.94 -3.25
CA GLN A 175 -14.94 11.83 -2.09
C GLN A 175 -14.11 11.28 -0.92
N ASP A 176 -14.22 9.98 -0.66
CA ASP A 176 -13.42 9.32 0.37
C ASP A 176 -11.92 9.42 0.09
N TYR A 177 -11.57 9.44 -1.20
CA TYR A 177 -10.18 9.62 -1.62
C TYR A 177 -9.76 11.05 -1.33
N LYS A 178 -10.54 11.99 -1.85
CA LYS A 178 -10.26 13.42 -1.68
C LYS A 178 -10.19 13.86 -0.21
N ASP A 179 -10.92 13.15 0.66
CA ASP A 179 -10.91 13.42 2.10
C ASP A 179 -9.59 12.96 2.73
N ILE A 180 -9.18 11.73 2.41
CA ILE A 180 -7.95 11.18 2.96
C ILE A 180 -6.80 12.09 2.59
N CYS A 181 -6.62 12.32 1.30
CA CYS A 181 -5.58 13.23 0.82
C CYS A 181 -5.57 14.54 1.61
N ALA A 182 -6.75 15.13 1.78
CA ALA A 182 -6.92 16.41 2.45
C ALA A 182 -6.69 16.38 3.96
N ARG A 183 -7.17 15.32 4.62
CA ARG A 183 -7.15 15.24 6.09
C ARG A 183 -5.86 14.65 6.68
N MET A 184 -5.26 13.72 5.96
CA MET A 184 -4.11 12.99 6.49
C MET A 184 -2.89 13.90 6.55
N SER A 185 -2.25 13.95 7.71
CA SER A 185 -1.08 14.81 7.91
C SER A 185 -0.14 14.23 8.98
N PHE A 186 1.07 13.88 8.54
CA PHE A 186 2.05 13.26 9.42
C PHE A 186 2.87 14.32 10.13
N VAL A 187 3.31 14.01 11.35
CA VAL A 187 4.03 14.97 12.18
C VAL A 187 5.40 14.42 12.59
N VAL A 188 6.30 14.33 11.62
CA VAL A 188 7.72 14.00 11.89
C VAL A 188 8.63 14.65 10.85
N PRO A 189 9.91 14.90 11.22
CA PRO A 189 10.54 14.67 12.53
C PRO A 189 10.27 15.86 13.48
N ASN A 190 11.07 15.97 14.55
CA ASN A 190 10.96 17.11 15.45
C ASN A 190 11.45 18.40 14.78
N LEU A 193 9.74 20.38 12.08
CA LEU A 193 8.50 21.02 12.47
C LEU A 193 7.36 20.80 11.45
N PRO A 194 7.61 21.14 10.16
CA PRO A 194 6.52 21.13 9.18
C PRO A 194 5.75 19.81 9.11
N GLN A 195 4.42 19.90 8.98
CA GLN A 195 3.57 18.73 8.88
C GLN A 195 3.47 18.32 7.41
N LEU A 196 3.89 17.10 7.12
CA LEU A 196 3.90 16.58 5.75
C LEU A 196 2.53 16.01 5.43
N ASN A 197 2.09 16.20 4.19
CA ASN A 197 0.89 15.54 3.69
C ASN A 197 1.31 14.40 2.78
N ILE A 198 0.34 13.59 2.37
CA ILE A 198 0.60 12.37 1.60
C ILE A 198 1.41 12.62 0.33
N MET A 199 0.97 13.59 -0.47
CA MET A 199 1.52 13.79 -1.81
C MET A 199 2.92 14.41 -1.83
N LYS A 200 3.38 14.94 -0.70
CA LYS A 200 4.71 15.58 -0.64
C LYS A 200 5.85 14.56 -0.58
N HIS A 201 5.52 13.27 -0.61
CA HIS A 201 6.51 12.19 -0.57
C HIS A 201 7.03 11.83 -1.96
N GLU A 202 8.20 11.22 -1.99
CA GLU A 202 8.91 10.87 -3.23
C GLU A 202 8.28 9.66 -3.94
N VAL A 203 7.75 8.73 -3.15
CA VAL A 203 7.04 7.56 -3.68
C VAL A 203 5.82 7.29 -2.80
N VAL A 204 4.65 7.19 -3.44
CA VAL A 204 3.41 6.96 -2.72
C VAL A 204 2.83 5.68 -3.26
N ILE A 205 2.67 4.68 -2.40
CA ILE A 205 1.97 3.47 -2.80
C ILE A 205 0.59 3.48 -2.16
N TRP A 206 -0.45 3.28 -2.97
CA TRP A 206 -1.82 3.35 -2.48
C TRP A 206 -2.49 2.04 -2.84
N LEU A 207 -2.94 1.33 -1.82
CA LEU A 207 -3.52 0.01 -1.98
C LEU A 207 -4.74 -0.12 -1.08
N GLY A 208 -5.50 -1.20 -1.26
CA GLY A 208 -6.61 -1.53 -0.37
C GLY A 208 -7.87 -1.89 -1.10
N ASP A 209 -8.98 -1.96 -0.37
CA ASP A 209 -10.29 -2.20 -0.97
C ASP A 209 -10.86 -0.85 -1.40
N LEU A 210 -10.45 -0.42 -2.60
CA LEU A 210 -10.95 0.81 -3.16
C LEU A 210 -12.42 0.69 -3.58
N ASN A 211 -12.92 -0.54 -3.70
CA ASN A 211 -14.36 -0.79 -3.84
C ASN A 211 -15.03 -0.29 -5.13
N TYR A 212 -14.25 -0.02 -6.16
CA TYR A 212 -14.81 0.40 -7.45
C TYR A 212 -15.36 -0.83 -8.20
N ARG A 213 -16.56 -0.70 -8.76
CA ARG A 213 -17.24 -1.83 -9.39
C ARG A 213 -17.33 -1.68 -10.92
N LEU A 214 -17.75 -2.75 -11.58
CA LEU A 214 -17.89 -2.74 -13.04
C LEU A 214 -19.15 -1.96 -13.39
N GLY A 215 -19.01 -0.98 -14.26
CA GLY A 215 -20.10 -0.08 -14.62
C GLY A 215 -21.14 -0.69 -15.56
N MET A 216 -21.40 -1.98 -15.40
CA MET A 216 -22.47 -2.67 -16.12
C MET A 216 -23.25 -3.58 -15.16
N PRO A 217 -24.59 -3.45 -15.15
CA PRO A 217 -25.38 -4.19 -14.17
C PRO A 217 -25.45 -5.70 -14.40
N ASP A 218 -25.67 -6.12 -15.65
CA ASP A 218 -25.93 -7.53 -16.00
C ASP A 218 -24.82 -8.48 -15.52
N ALA A 219 -25.11 -9.20 -14.43
CA ALA A 219 -24.12 -10.09 -13.80
C ALA A 219 -23.81 -11.32 -14.65
N ASN A 220 -24.78 -11.76 -15.45
CA ASN A 220 -24.61 -12.95 -16.30
C ASN A 220 -23.58 -12.75 -17.39
N GLU A 221 -23.58 -11.56 -18.00
CA GLU A 221 -22.53 -11.19 -18.96
C GLU A 221 -21.15 -11.28 -18.33
N VAL A 222 -21.02 -10.65 -17.17
CA VAL A 222 -19.74 -10.53 -16.49
C VAL A 222 -19.15 -11.90 -16.18
N LYS A 223 -19.94 -12.74 -15.51
CA LYS A 223 -19.49 -14.10 -15.16
C LYS A 223 -19.03 -14.86 -16.39
N SER A 224 -19.77 -14.72 -17.49
CA SER A 224 -19.46 -15.43 -18.75
C SER A 224 -18.24 -14.85 -19.46
N LEU A 225 -18.17 -13.53 -19.54
CA LEU A 225 -16.98 -12.87 -20.12
C LEU A 225 -15.72 -13.31 -19.37
N ILE A 226 -15.76 -13.26 -18.04
CA ILE A 226 -14.67 -13.76 -17.20
C ILE A 226 -14.36 -15.21 -17.52
N ASN A 227 -15.41 -16.02 -17.65
CA ASN A 227 -15.27 -17.43 -17.97
C ASN A 227 -14.61 -17.61 -19.33
N LYS A 228 -14.92 -16.73 -20.27
CA LYS A 228 -14.38 -16.81 -21.63
C LYS A 228 -12.98 -16.18 -21.78
N LYS A 229 -12.37 -15.79 -20.66
CA LYS A 229 -10.98 -15.31 -20.64
C LYS A 229 -10.82 -13.83 -21.03
N ASP A 230 -11.85 -13.23 -21.62
CA ASP A 230 -11.77 -11.87 -22.15
C ASP A 230 -12.05 -10.84 -21.05
N LEU A 231 -10.98 -10.37 -20.42
CA LEU A 231 -11.07 -9.48 -19.26
C LEU A 231 -10.92 -8.00 -19.61
N GLN A 232 -10.27 -7.70 -20.74
CA GLN A 232 -10.04 -6.31 -21.14
C GLN A 232 -11.30 -5.64 -21.68
N ARG A 233 -12.26 -6.42 -22.16
CA ARG A 233 -13.58 -5.89 -22.48
C ARG A 233 -14.24 -5.43 -21.18
N LEU A 234 -14.17 -6.29 -20.15
CA LEU A 234 -14.73 -5.94 -18.84
C LEU A 234 -14.08 -4.70 -18.27
N LEU A 235 -12.77 -4.58 -18.43
CA LEU A 235 -12.00 -3.53 -17.77
C LEU A 235 -12.25 -2.14 -18.34
N LYS A 236 -12.84 -2.04 -19.52
CA LYS A 236 -13.23 -0.73 -20.06
C LYS A 236 -14.42 -0.11 -19.30
N PHE A 237 -15.13 -0.94 -18.53
CA PHE A 237 -16.27 -0.47 -17.73
C PHE A 237 -15.96 -0.38 -16.22
N ASP A 238 -14.76 -0.80 -15.81
CA ASP A 238 -14.34 -0.69 -14.42
C ASP A 238 -14.33 0.78 -13.97
N GLN A 239 -15.01 1.07 -12.87
CA GLN A 239 -15.23 2.45 -12.42
C GLN A 239 -13.93 3.23 -12.16
N LEU A 240 -12.96 2.59 -11.52
CA LEU A 240 -11.68 3.24 -11.23
C LEU A 240 -10.95 3.62 -12.52
N ASN A 241 -10.89 2.68 -13.46
CA ASN A 241 -10.31 2.95 -14.78
C ASN A 241 -10.90 4.21 -15.40
N ILE A 242 -12.22 4.33 -15.31
CA ILE A 242 -12.92 5.51 -15.82
C ILE A 242 -12.59 6.74 -14.99
N GLN A 243 -12.74 6.63 -13.67
CA GLN A 243 -12.54 7.77 -12.78
C GLN A 243 -11.17 8.40 -12.98
N ARG A 244 -10.18 7.56 -13.22
CA ARG A 244 -8.84 8.05 -13.54
C ARG A 244 -8.83 8.72 -14.92
N THR A 245 -9.29 7.98 -15.93
CA THR A 245 -9.30 8.48 -17.30
C THR A 245 -9.91 9.88 -17.36
N GLN A 246 -11.04 10.07 -16.69
CA GLN A 246 -11.74 11.36 -16.67
C GLN A 246 -11.20 12.32 -15.58
N LYS A 247 -10.04 11.99 -15.02
CA LYS A 247 -9.32 12.86 -14.09
C LYS A 247 -10.14 13.29 -12.86
N LYS A 248 -11.07 12.42 -12.42
CA LYS A 248 -11.95 12.72 -11.29
C LYS A 248 -11.31 12.33 -9.96
N ALA A 249 -10.48 11.29 -9.97
CA ALA A 249 -9.81 10.80 -8.75
C ALA A 249 -8.62 9.91 -9.13
N PHE A 250 -7.61 9.86 -8.26
CA PHE A 250 -6.38 9.07 -8.48
C PHE A 250 -5.55 9.53 -9.69
N VAL A 251 -5.28 10.83 -9.76
CA VAL A 251 -4.26 11.36 -10.67
C VAL A 251 -3.17 11.92 -9.76
N ASP A 252 -1.88 11.89 -10.13
CA ASP A 252 -1.33 11.21 -11.30
C ASP A 252 -0.85 9.83 -10.83
N PHE A 253 -1.78 8.93 -10.57
CA PHE A 253 -1.43 7.58 -10.15
C PHE A 253 -1.33 6.65 -11.35
N ASN A 254 -0.50 5.62 -11.21
CA ASN A 254 -0.38 4.56 -12.21
C ASN A 254 -0.95 3.26 -11.65
N GLU A 255 -1.41 2.40 -12.54
CA GLU A 255 -1.77 1.02 -12.18
C GLU A 255 -1.25 0.08 -13.27
N GLY A 256 -1.01 -1.18 -12.90
CA GLY A 256 -0.52 -2.17 -13.85
C GLY A 256 -1.61 -2.77 -14.73
N GLU A 257 -1.20 -3.34 -15.86
CA GLU A 257 -2.09 -4.18 -16.65
C GLU A 257 -2.61 -5.28 -15.73
N ILE A 258 -3.87 -5.61 -15.89
CA ILE A 258 -4.62 -6.33 -14.85
C ILE A 258 -5.22 -7.60 -15.45
N LYS A 259 -4.54 -8.73 -15.22
CA LYS A 259 -4.83 -9.99 -15.92
C LYS A 259 -5.34 -11.09 -14.99
N PHE A 260 -5.85 -10.72 -13.83
CA PHE A 260 -6.42 -11.68 -12.91
C PHE A 260 -7.93 -11.46 -12.81
N ILE A 261 -8.68 -12.55 -12.70
CA ILE A 261 -10.14 -12.46 -12.67
C ILE A 261 -10.59 -11.74 -11.39
N PRO A 262 -11.74 -11.04 -11.44
CA PRO A 262 -12.20 -10.23 -10.32
C PRO A 262 -12.06 -10.93 -8.96
N THR A 263 -11.62 -10.18 -7.96
CA THR A 263 -11.32 -10.71 -6.63
C THR A 263 -12.51 -10.68 -5.69
N TYR A 264 -13.61 -10.06 -6.11
CA TYR A 264 -14.83 -9.94 -5.29
C TYR A 264 -16.00 -10.36 -6.17
N LYS A 265 -17.04 -11.01 -5.66
CA LYS A 265 -17.14 -11.52 -4.29
C LYS A 265 -17.29 -13.04 -4.36
N TYR A 266 -16.70 -13.74 -3.39
CA TYR A 266 -16.74 -15.20 -3.37
C TYR A 266 -17.54 -15.77 -2.19
N ASP A 267 -17.93 -17.03 -2.32
CA ASP A 267 -18.47 -17.78 -1.19
C ASP A 267 -17.29 -18.14 -0.30
N SER A 268 -17.38 -17.74 0.97
CA SER A 268 -16.33 -18.02 1.95
C SER A 268 -15.87 -19.47 1.87
N LYS A 269 -14.55 -19.66 1.89
CA LYS A 269 -13.94 -20.99 1.89
C LYS A 269 -14.03 -21.70 0.53
N THR A 270 -14.33 -20.96 -0.53
CA THR A 270 -14.48 -21.55 -1.88
C THR A 270 -14.11 -20.59 -3.02
N ASP A 271 -13.90 -21.18 -4.20
CA ASP A 271 -13.60 -20.41 -5.41
C ASP A 271 -14.88 -20.16 -6.23
N ARG A 272 -16.03 -20.22 -5.53
CA ARG A 272 -17.34 -20.05 -6.12
C ARG A 272 -17.75 -18.59 -6.02
N TRP A 273 -18.43 -18.07 -7.05
CA TRP A 273 -18.96 -16.71 -7.00
C TRP A 273 -20.13 -16.63 -6.00
N ASP A 274 -20.38 -15.43 -5.51
CA ASP A 274 -21.38 -15.20 -4.45
C ASP A 274 -22.73 -15.83 -4.74
N SER A 275 -23.22 -16.63 -3.80
CA SER A 275 -24.50 -17.32 -3.92
C SER A 275 -25.65 -16.61 -3.20
N SER A 276 -25.34 -15.54 -2.46
CA SER A 276 -26.34 -14.76 -1.72
C SER A 276 -27.55 -14.36 -2.59
N GLY A 277 -28.63 -13.98 -1.91
CA GLY A 277 -29.85 -13.51 -2.59
C GLY A 277 -29.61 -12.20 -3.35
N LYS A 278 -28.76 -11.34 -2.78
CA LYS A 278 -28.27 -10.14 -3.47
C LYS A 278 -27.53 -10.52 -4.76
N CYS A 279 -26.72 -11.58 -4.69
CA CYS A 279 -26.02 -12.11 -5.86
C CYS A 279 -25.19 -11.02 -6.54
N ARG A 280 -24.26 -10.46 -5.77
CA ARG A 280 -23.41 -9.36 -6.23
C ARG A 280 -22.79 -9.64 -7.59
N VAL A 281 -22.56 -8.58 -8.37
CA VAL A 281 -21.80 -8.69 -9.62
C VAL A 281 -20.31 -8.67 -9.24
N PRO A 282 -19.51 -9.58 -9.80
CA PRO A 282 -18.09 -9.57 -9.47
C PRO A 282 -17.41 -8.23 -9.79
N ALA A 283 -16.35 -7.93 -9.05
CA ALA A 283 -15.70 -6.62 -9.10
C ALA A 283 -14.22 -6.73 -8.80
N TRP A 284 -13.45 -5.79 -9.36
CA TRP A 284 -12.05 -5.64 -9.03
C TRP A 284 -11.93 -4.58 -7.93
N CYS A 285 -12.40 -4.93 -6.73
CA CYS A 285 -12.38 -4.03 -5.59
C CYS A 285 -10.97 -3.78 -5.06
N ASP A 286 -10.12 -4.80 -5.11
CA ASP A 286 -8.82 -4.79 -4.43
C ASP A 286 -7.69 -4.40 -5.38
N ARG A 287 -7.10 -3.23 -5.16
CA ARG A 287 -6.22 -2.65 -6.16
C ARG A 287 -4.92 -2.13 -5.55
N ILE A 288 -3.88 -2.02 -6.38
CA ILE A 288 -2.62 -1.40 -5.98
C ILE A 288 -2.18 -0.38 -7.04
N LEU A 289 -2.24 0.90 -6.67
CA LEU A 289 -1.76 2.00 -7.52
C LEU A 289 -0.54 2.64 -6.87
N TRP A 290 0.24 3.36 -7.67
CA TRP A 290 1.43 4.06 -7.18
C TRP A 290 1.63 5.39 -7.89
N ARG A 291 2.48 6.20 -7.29
CA ARG A 291 2.91 7.46 -7.88
C ARG A 291 4.36 7.66 -7.51
N GLY A 292 5.17 8.05 -8.49
CA GLY A 292 6.58 8.35 -8.27
C GLY A 292 7.47 7.82 -9.36
N THR A 293 8.69 8.35 -9.43
CA THR A 293 9.67 7.88 -10.41
C THR A 293 10.51 6.73 -9.87
N ASN A 294 11.27 6.12 -10.79
CA ASN A 294 12.12 4.97 -10.52
C ASN A 294 11.36 3.76 -9.98
N VAL A 295 10.06 3.73 -10.29
CA VAL A 295 9.16 2.66 -9.91
C VAL A 295 8.81 1.84 -11.13
N ASN A 296 9.29 0.60 -11.20
CA ASN A 296 8.96 -0.32 -12.28
C ASN A 296 8.28 -1.54 -11.71
N GLN A 297 7.02 -1.76 -12.10
CA GLN A 297 6.27 -2.91 -11.63
C GLN A 297 6.73 -4.12 -12.42
N LEU A 298 6.83 -5.26 -11.73
CA LEU A 298 7.19 -6.52 -12.38
C LEU A 298 5.97 -7.41 -12.51
N ASN A 299 5.18 -7.46 -11.45
CA ASN A 299 3.99 -8.30 -11.38
C ASN A 299 2.79 -7.54 -10.82
N TYR A 300 1.59 -7.98 -11.22
CA TYR A 300 0.35 -7.55 -10.59
C TYR A 300 -0.60 -8.73 -10.64
N ARG A 301 -0.88 -9.33 -9.49
CA ARG A 301 -1.61 -10.61 -9.48
C ARG A 301 -2.51 -10.80 -8.24
N SER A 302 -3.33 -11.85 -8.31
CA SER A 302 -4.18 -12.28 -7.22
C SER A 302 -3.84 -13.71 -6.85
N HIS A 303 -4.46 -14.23 -5.79
CA HIS A 303 -4.08 -15.51 -5.22
C HIS A 303 -5.30 -16.37 -4.90
N MET A 304 -5.85 -16.99 -5.94
CA MET A 304 -7.11 -17.71 -5.81
C MET A 304 -7.07 -18.78 -4.71
N GLU A 305 -5.88 -19.32 -4.47
CA GLU A 305 -5.67 -20.42 -3.52
C GLU A 305 -5.85 -20.08 -2.03
N LEU A 306 -6.11 -18.81 -1.72
CA LEU A 306 -6.45 -18.40 -0.35
C LEU A 306 -7.96 -18.15 -0.22
N LYS A 307 -8.64 -19.09 0.44
CA LYS A 307 -10.10 -19.06 0.53
C LYS A 307 -10.62 -18.67 1.93
N THR A 308 -9.81 -17.93 2.70
CA THR A 308 -10.22 -17.54 4.06
C THR A 308 -11.39 -16.57 4.05
N SER A 309 -11.37 -15.66 3.09
CA SER A 309 -12.34 -14.56 3.03
C SER A 309 -13.23 -14.64 1.78
N ASP A 310 -14.15 -13.68 1.67
CA ASP A 310 -14.99 -13.53 0.47
C ASP A 310 -14.31 -12.66 -0.59
N HIS A 311 -13.21 -12.02 -0.22
CA HIS A 311 -12.31 -11.39 -1.19
C HIS A 311 -11.09 -12.29 -1.36
N LYS A 312 -10.40 -12.15 -2.48
CA LYS A 312 -9.10 -12.78 -2.67
C LYS A 312 -7.96 -11.77 -2.38
N PRO A 313 -6.82 -12.26 -1.87
CA PRO A 313 -5.69 -11.34 -1.71
C PRO A 313 -5.05 -10.99 -3.05
N VAL A 314 -4.54 -9.76 -3.13
CA VAL A 314 -3.86 -9.26 -4.32
C VAL A 314 -2.44 -8.88 -3.93
N SER A 315 -1.48 -9.21 -4.79
CA SER A 315 -0.07 -8.81 -4.55
C SER A 315 0.52 -8.12 -5.77
N ALA A 316 1.60 -7.38 -5.56
CA ALA A 316 2.33 -6.74 -6.63
C ALA A 316 3.79 -6.54 -6.21
N LEU A 317 4.72 -7.06 -7.01
CA LEU A 317 6.15 -6.85 -6.76
C LEU A 317 6.68 -5.67 -7.58
N PHE A 318 7.37 -4.76 -6.90
CA PHE A 318 7.95 -3.60 -7.55
C PHE A 318 9.47 -3.57 -7.47
N HIS A 319 10.10 -3.06 -8.53
CA HIS A 319 11.49 -2.62 -8.46
C HIS A 319 11.45 -1.12 -8.23
N ILE A 320 11.99 -0.66 -7.10
CA ILE A 320 11.99 0.78 -6.80
C ILE A 320 13.41 1.31 -6.55
N GLY A 321 13.83 2.25 -7.39
CA GLY A 321 15.12 2.93 -7.23
C GLY A 321 15.14 3.81 -6.00
N VAL A 322 16.20 3.69 -5.20
CA VAL A 322 16.37 4.44 -3.97
C VAL A 322 17.74 5.08 -3.96
N LYS A 323 17.83 6.33 -3.50
CA LYS A 323 19.10 7.04 -3.49
C LYS A 323 19.92 6.58 -2.28
N VAL A 324 20.83 5.64 -2.50
CA VAL A 324 21.64 5.04 -1.42
C VAL A 324 23.04 5.67 -1.35
N VAL A 325 23.37 6.23 -0.18
CA VAL A 325 24.64 6.95 0.03
C VAL A 325 25.88 6.07 -0.12
N ASP A 326 26.81 6.48 -0.96
CA ASP A 326 28.10 5.82 -1.07
C ASP A 326 29.00 6.43 -0.01
N GLU A 327 29.47 5.61 0.91
CA GLU A 327 30.29 6.09 2.04
C GLU A 327 31.56 6.83 1.61
N ARG A 328 32.21 6.32 0.56
CA ARG A 328 33.48 6.88 0.09
C ARG A 328 33.29 8.25 -0.56
N ARG A 329 32.35 8.33 -1.50
CA ARG A 329 32.01 9.60 -2.15
C ARG A 329 31.51 10.63 -1.12
N TYR A 330 30.80 10.14 -0.10
CA TYR A 330 30.29 10.99 0.98
C TYR A 330 31.44 11.59 1.77
N ARG A 331 32.45 10.77 2.04
CA ARG A 331 33.62 11.17 2.81
C ARG A 331 34.48 12.16 2.02
N LYS A 332 34.80 11.79 0.79
CA LYS A 332 35.57 12.66 -0.11
C LYS A 332 34.92 14.03 -0.24
N VAL A 333 33.59 14.06 -0.42
CA VAL A 333 32.83 15.32 -0.47
C VAL A 333 32.88 16.09 0.84
N PHE A 334 32.64 15.39 1.96
CA PHE A 334 32.71 16.00 3.29
C PHE A 334 34.09 16.63 3.54
N GLU A 335 35.14 15.88 3.23
CA GLU A 335 36.51 16.36 3.38
C GLU A 335 36.81 17.54 2.46
N ASP A 336 36.26 17.52 1.24
CA ASP A 336 36.42 18.65 0.32
C ASP A 336 35.80 19.90 0.92
N SER A 337 34.56 19.76 1.40
CA SER A 337 33.79 20.88 1.93
C SER A 337 34.46 21.58 3.12
N VAL A 338 34.84 20.78 4.12
CA VAL A 338 35.48 21.30 5.32
C VAL A 338 36.83 21.95 4.99
N ARG A 339 37.56 21.33 4.06
CA ARG A 339 38.85 21.89 3.58
C ARG A 339 38.65 23.29 3.01
N ILE A 340 37.61 23.46 2.19
CA ILE A 340 37.29 24.77 1.62
C ILE A 340 36.79 25.76 2.68
N MET A 341 36.01 25.26 3.65
CA MET A 341 35.56 26.08 4.76
C MET A 341 36.76 26.57 5.57
N ASP A 342 37.58 25.64 6.05
CA ASP A 342 38.78 26.00 6.80
C ASP A 342 39.64 26.99 6.02
N ARG A 343 39.76 26.77 4.71
CA ARG A 343 40.52 27.66 3.84
C ARG A 343 39.93 29.09 3.78
N MET A 344 38.67 29.26 4.18
CA MET A 344 38.06 30.59 4.30
C MET A 344 38.54 31.27 5.57
N GLU A 345 39.79 31.72 5.54
CA GLU A 345 40.41 32.43 6.66
C GLU A 345 41.06 33.71 6.14
N ASN A 346 40.25 34.54 5.49
CA ASN A 346 40.68 35.79 4.86
C ASN A 346 41.71 35.56 3.75
P PO4 B . -17.69 -6.50 1.68
O1 PO4 B . -16.26 -6.62 1.20
O2 PO4 B . -18.17 -7.85 2.17
O3 PO4 B . -17.83 -5.52 2.82
O4 PO4 B . -18.53 -5.99 0.53
MG MG C . -18.01 -7.73 5.39
C1 GOL D . -22.79 0.30 3.75
O1 GOL D . -23.54 -0.90 3.66
C2 GOL D . -21.42 0.04 4.38
O2 GOL D . -20.50 0.99 3.89
C3 GOL D . -21.47 0.10 5.89
O3 GOL D . -20.21 0.41 6.44
C1 GOL E . -5.29 5.04 -18.43
O1 GOL E . -5.92 6.18 -17.89
C2 GOL E . -5.43 3.87 -17.45
O2 GOL E . -6.75 3.37 -17.51
C3 GOL E . -4.41 2.76 -17.78
O3 GOL E . -4.23 1.91 -16.66
#